data_4E3B
#
_entry.id   4E3B
#
_cell.length_a   27.074
_cell.length_b   33.599
_cell.length_c   66.882
_cell.angle_alpha   80.11
_cell.angle_beta   86.88
_cell.angle_gamma   89.21
#
_symmetry.space_group_name_H-M   'P 1'
#
loop_
_entity.id
_entity.type
_entity.pdbx_description
1 polymer 'Tax1-binding protein 3'
2 polymer 'iCAL50 peptide'
3 water water
#
loop_
_entity_poly.entity_id
_entity_poly.type
_entity_poly.pdbx_seq_one_letter_code
_entity_poly.pdbx_strand_id
1 'polypeptide(L)'
;AVVQRVEIHKLRQGENLILGFSIGGGIDQDPSQNPFSEDKTDKGIYVTRVSEGGPAEIAGLQIGDKIMQVNGWDMTMVTH
DQARKRLTKRSEEVVRLLVTRQ
;
A,B
2 'polypeptide(L)' ANSRWPTSIL C,D
#
# COMPACT_ATOMS: atom_id res chain seq x y z
N ALA A 1 -6.94 -17.97 -10.94
CA ALA A 1 -6.87 -16.59 -10.49
C ALA A 1 -7.40 -16.41 -9.08
N VAL A 2 -6.85 -15.42 -8.37
CA VAL A 2 -7.24 -15.12 -7.00
C VAL A 2 -7.87 -13.74 -6.92
N VAL A 3 -8.97 -13.64 -6.18
CA VAL A 3 -9.70 -12.39 -6.01
C VAL A 3 -9.00 -11.48 -4.99
N GLN A 4 -8.79 -10.22 -5.38
CA GLN A 4 -8.25 -9.24 -4.45
C GLN A 4 -9.18 -8.03 -4.41
N ARG A 5 -9.22 -7.35 -3.27
CA ARG A 5 -10.02 -6.15 -3.14
C ARG A 5 -9.10 -5.05 -2.66
N VAL A 6 -8.98 -3.99 -3.46
CA VAL A 6 -8.07 -2.91 -3.10
C VAL A 6 -8.84 -1.60 -2.96
N GLU A 7 -8.34 -0.74 -2.10
CA GLU A 7 -9.03 0.50 -1.81
C GLU A 7 -8.04 1.62 -2.10
N ILE A 8 -8.28 2.32 -3.20
CA ILE A 8 -7.38 3.37 -3.65
C ILE A 8 -7.85 4.74 -3.16
N HIS A 9 -6.93 5.45 -2.52
CA HIS A 9 -7.19 6.83 -2.13
C HIS A 9 -6.46 7.75 -3.11
N LYS A 10 -7.25 8.39 -3.96
CA LYS A 10 -6.70 9.21 -5.05
C LYS A 10 -5.85 10.36 -4.52
N LEU A 11 -4.85 10.74 -5.31
CA LEU A 11 -3.96 11.87 -5.01
C LEU A 11 -4.34 13.10 -5.81
N ARG A 12 -4.37 14.24 -5.13
CA ARG A 12 -4.60 15.53 -5.79
C ARG A 12 -3.36 15.96 -6.57
N GLN A 13 -3.53 16.18 -7.88
CA GLN A 13 -2.44 16.61 -8.74
C GLN A 13 -2.96 17.73 -9.63
N GLY A 14 -2.78 18.97 -9.18
CA GLY A 14 -3.44 20.10 -9.81
C GLY A 14 -4.93 20.04 -9.56
N GLU A 15 -5.71 20.17 -10.63
CA GLU A 15 -7.16 20.12 -10.55
C GLU A 15 -7.69 18.67 -10.52
N ASN A 16 -6.80 17.72 -10.80
CA ASN A 16 -7.22 16.32 -10.96
C ASN A 16 -6.93 15.42 -9.76
N LEU A 17 -7.73 14.36 -9.63
CA LEU A 17 -7.50 13.31 -8.65
C LEU A 17 -6.96 12.09 -9.41
N ILE A 18 -5.72 11.71 -9.13
CA ILE A 18 -5.13 10.65 -9.93
C ILE A 18 -4.96 9.35 -9.14
N LEU A 19 -4.91 8.25 -9.89
CA LEU A 19 -4.89 6.92 -9.32
C LEU A 19 -3.51 6.27 -9.36
N GLY A 20 -2.67 6.68 -10.29
CA GLY A 20 -1.33 6.12 -10.37
C GLY A 20 -1.22 4.77 -11.08
N PHE A 21 -2.05 4.53 -12.08
CA PHE A 21 -1.91 3.31 -12.88
C PHE A 21 -2.49 3.52 -14.25
N SER A 22 -2.21 2.57 -15.15
CA SER A 22 -2.69 2.65 -16.52
C SER A 22 -3.53 1.43 -16.82
N ILE A 23 -4.47 1.58 -17.74
CA ILE A 23 -5.34 0.47 -18.16
C ILE A 23 -5.31 0.23 -19.65
N GLY A 24 -5.53 -1.02 -20.03
CA GLY A 24 -5.75 -1.43 -21.41
C GLY A 24 -6.99 -2.31 -21.46
N GLY A 25 -7.56 -2.47 -22.64
CA GLY A 25 -8.67 -3.39 -22.80
C GLY A 25 -10.01 -2.71 -22.97
N GLY A 26 -11.08 -3.50 -22.97
CA GLY A 26 -12.42 -2.98 -23.20
C GLY A 26 -13.08 -3.71 -24.35
N ILE A 27 -14.41 -3.70 -24.37
CA ILE A 27 -15.14 -4.48 -25.38
C ILE A 27 -14.91 -3.97 -26.80
N ASP A 28 -14.43 -2.75 -26.92
CA ASP A 28 -14.19 -2.14 -28.23
C ASP A 28 -12.75 -2.33 -28.71
N GLN A 29 -11.95 -3.06 -27.94
CA GLN A 29 -10.54 -3.27 -28.29
C GLN A 29 -10.28 -4.71 -28.77
N ASP A 30 -9.11 -4.92 -29.38
CA ASP A 30 -8.71 -6.23 -29.87
C ASP A 30 -8.08 -7.05 -28.73
N PRO A 31 -8.82 -8.03 -28.20
CA PRO A 31 -8.28 -8.77 -27.05
C PRO A 31 -7.02 -9.57 -27.37
N SER A 32 -6.78 -9.86 -28.65
CA SER A 32 -5.61 -10.66 -28.98
C SER A 32 -4.31 -9.88 -28.77
N GLN A 33 -4.42 -8.57 -28.52
CA GLN A 33 -3.27 -7.69 -28.35
C GLN A 33 -2.91 -7.48 -26.88
N ASN A 34 -3.71 -8.06 -25.99
CA ASN A 34 -3.50 -7.92 -24.55
C ASN A 34 -2.45 -8.90 -24.09
N PRO A 35 -1.28 -8.40 -23.67
CA PRO A 35 -0.17 -9.28 -23.28
C PRO A 35 -0.35 -9.91 -21.90
N PHE A 36 -1.35 -9.46 -21.14
CA PHE A 36 -1.48 -9.86 -19.74
C PHE A 36 -2.49 -10.97 -19.51
N SER A 37 -3.46 -11.12 -20.42
CA SER A 37 -4.56 -12.05 -20.21
C SER A 37 -4.18 -13.50 -20.46
N GLU A 38 -4.74 -14.40 -19.67
CA GLU A 38 -4.53 -15.83 -19.88
C GLU A 38 -5.28 -16.31 -21.11
N ASP A 39 -6.48 -15.76 -21.30
CA ASP A 39 -7.35 -16.11 -22.43
C ASP A 39 -7.45 -14.92 -23.37
N LYS A 40 -6.92 -15.06 -24.58
CA LYS A 40 -6.83 -13.94 -25.50
C LYS A 40 -8.16 -13.55 -26.15
N THR A 41 -9.26 -14.15 -25.69
CA THR A 41 -10.59 -13.68 -26.06
C THR A 41 -11.16 -12.75 -24.98
N ASP A 42 -10.42 -12.61 -23.88
CA ASP A 42 -10.82 -11.79 -22.75
C ASP A 42 -10.77 -10.31 -23.12
N LYS A 43 -11.94 -9.68 -23.25
CA LYS A 43 -12.02 -8.27 -23.62
C LYS A 43 -12.03 -7.33 -22.40
N GLY A 44 -11.68 -7.85 -21.23
CA GLY A 44 -11.74 -7.08 -20.01
C GLY A 44 -10.70 -5.99 -19.85
N ILE A 45 -10.84 -5.25 -18.74
CA ILE A 45 -9.95 -4.15 -18.41
C ILE A 45 -8.81 -4.67 -17.56
N TYR A 46 -7.59 -4.40 -17.99
CA TYR A 46 -6.40 -4.87 -17.30
C TYR A 46 -5.51 -3.71 -16.91
N VAL A 47 -4.87 -3.83 -15.75
CA VAL A 47 -3.83 -2.89 -15.32
C VAL A 47 -2.54 -3.16 -16.11
N THR A 48 -2.05 -2.14 -16.81
CA THR A 48 -0.92 -2.32 -17.72
C THR A 48 0.38 -1.71 -17.18
N ARG A 49 0.24 -0.87 -16.15
CA ARG A 49 1.39 -0.19 -15.58
C ARG A 49 0.97 0.36 -14.22
N VAL A 50 1.89 0.38 -13.28
CA VAL A 50 1.62 0.94 -11.96
C VAL A 50 2.75 1.87 -11.55
N SER A 51 2.40 3.07 -11.10
CA SER A 51 3.40 4.09 -10.81
C SER A 51 4.03 3.81 -9.44
N GLU A 52 5.35 3.68 -9.41
CA GLU A 52 6.04 3.44 -8.15
C GLU A 52 5.71 4.55 -7.16
N GLY A 53 5.23 4.15 -5.98
CA GLY A 53 4.90 5.08 -4.92
C GLY A 53 3.55 5.76 -5.01
N GLY A 54 2.77 5.43 -6.05
CA GLY A 54 1.50 6.07 -6.28
C GLY A 54 0.35 5.41 -5.52
N PRO A 55 -0.85 6.01 -5.60
CA PRO A 55 -2.01 5.54 -4.84
C PRO A 55 -2.31 4.07 -5.14
N ALA A 56 -2.26 3.68 -6.41
CA ALA A 56 -2.53 2.29 -6.77
C ALA A 56 -1.53 1.30 -6.16
N GLU A 57 -0.25 1.62 -6.27
CA GLU A 57 0.78 0.78 -5.68
C GLU A 57 0.55 0.61 -4.19
N ILE A 58 0.35 1.74 -3.50
CA ILE A 58 0.13 1.71 -2.06
C ILE A 58 -1.05 0.81 -1.67
N ALA A 59 -2.11 0.86 -2.48
CA ALA A 59 -3.32 0.07 -2.23
C ALA A 59 -3.14 -1.41 -2.51
N GLY A 60 -2.08 -1.78 -3.22
CA GLY A 60 -1.83 -3.18 -3.53
C GLY A 60 -2.14 -3.62 -4.96
N LEU A 61 -2.43 -2.67 -5.84
CA LEU A 61 -2.68 -3.02 -7.23
C LEU A 61 -1.37 -3.47 -7.91
N GLN A 62 -1.47 -4.44 -8.81
CA GLN A 62 -0.29 -4.99 -9.49
C GLN A 62 -0.51 -5.03 -11.00
N ILE A 63 0.58 -4.86 -11.76
CA ILE A 63 0.50 -4.97 -13.22
C ILE A 63 -0.09 -6.33 -13.59
N GLY A 64 -1.04 -6.30 -14.51
CA GLY A 64 -1.67 -7.51 -15.01
C GLY A 64 -2.98 -7.85 -14.33
N ASP A 65 -3.32 -7.14 -13.26
CA ASP A 65 -4.58 -7.39 -12.58
C ASP A 65 -5.75 -7.13 -13.52
N LYS A 66 -6.77 -7.98 -13.48
CA LYS A 66 -8.00 -7.74 -14.21
C LYS A 66 -9.02 -7.03 -13.33
N ILE A 67 -9.54 -5.89 -13.77
CA ILE A 67 -10.51 -5.13 -12.97
C ILE A 67 -11.93 -5.61 -13.22
N MET A 68 -12.53 -6.19 -12.20
CA MET A 68 -13.88 -6.75 -12.29
C MET A 68 -14.97 -5.74 -11.95
N GLN A 69 -14.71 -4.91 -10.96
CA GLN A 69 -15.68 -3.94 -10.47
C GLN A 69 -14.97 -2.71 -9.92
N VAL A 70 -15.60 -1.55 -10.08
CA VAL A 70 -15.16 -0.33 -9.41
C VAL A 70 -16.34 0.26 -8.65
N ASN A 71 -16.20 0.35 -7.33
CA ASN A 71 -17.27 0.86 -6.48
C ASN A 71 -18.60 0.19 -6.80
N GLY A 72 -18.54 -1.12 -7.05
CA GLY A 72 -19.74 -1.90 -7.28
C GLY A 72 -20.25 -1.91 -8.71
N TRP A 73 -19.61 -1.13 -9.58
CA TRP A 73 -20.00 -1.06 -10.99
C TRP A 73 -19.22 -2.10 -11.79
N ASP A 74 -19.94 -2.92 -12.53
CA ASP A 74 -19.34 -3.99 -13.34
C ASP A 74 -18.43 -3.45 -14.42
N MET A 75 -17.19 -3.95 -14.48
CA MET A 75 -16.23 -3.51 -15.47
C MET A 75 -15.88 -4.56 -16.54
N THR A 76 -16.59 -5.69 -16.54
CA THR A 76 -16.26 -6.82 -17.42
C THR A 76 -16.78 -6.65 -18.85
N MET A 77 -17.78 -5.80 -19.04
CA MET A 77 -18.36 -5.61 -20.37
C MET A 77 -18.51 -4.14 -20.73
N VAL A 78 -17.49 -3.34 -20.46
CA VAL A 78 -17.53 -1.92 -20.80
C VAL A 78 -16.49 -1.59 -21.86
N THR A 79 -16.66 -0.46 -22.54
CA THR A 79 -15.67 0.01 -23.49
C THR A 79 -14.47 0.55 -22.71
N HIS A 80 -13.37 0.77 -23.42
CA HIS A 80 -12.17 1.33 -22.81
C HIS A 80 -12.47 2.70 -22.18
N ASP A 81 -13.17 3.54 -22.92
CA ASP A 81 -13.49 4.88 -22.42
C ASP A 81 -14.43 4.86 -21.21
N GLN A 82 -15.41 3.96 -21.24
CA GLN A 82 -16.33 3.81 -20.12
C GLN A 82 -15.57 3.43 -18.86
N ALA A 83 -14.60 2.54 -18.99
CA ALA A 83 -13.74 2.14 -17.88
C ALA A 83 -12.94 3.34 -17.34
N ARG A 84 -12.30 4.06 -18.25
CA ARG A 84 -11.56 5.27 -17.88
C ARG A 84 -12.44 6.23 -17.09
N LYS A 85 -13.63 6.50 -17.60
CA LYS A 85 -14.55 7.43 -16.93
C LYS A 85 -14.98 6.94 -15.55
N ARG A 86 -15.26 5.65 -15.42
CA ARG A 86 -15.70 5.09 -14.14
C ARG A 86 -14.62 5.25 -13.08
N LEU A 87 -13.38 5.04 -13.49
CA LEU A 87 -12.26 5.12 -12.55
C LEU A 87 -11.86 6.55 -12.18
N THR A 88 -12.27 7.53 -12.99
CA THR A 88 -11.77 8.90 -12.83
C THR A 88 -12.85 9.95 -12.57
N LYS A 89 -13.93 9.56 -11.90
CA LYS A 89 -14.94 10.53 -11.52
C LYS A 89 -14.34 11.51 -10.51
N ARG A 90 -14.34 12.79 -10.86
CA ARG A 90 -13.71 13.79 -10.00
C ARG A 90 -14.34 13.91 -8.62
N SER A 91 -15.59 13.45 -8.49
CA SER A 91 -16.29 13.52 -7.20
C SER A 91 -15.88 12.41 -6.23
N GLU A 92 -15.17 11.41 -6.74
CA GLU A 92 -14.83 10.25 -5.94
C GLU A 92 -13.35 10.23 -5.57
N GLU A 93 -13.06 10.42 -4.29
CA GLU A 93 -11.68 10.38 -3.82
C GLU A 93 -11.24 8.96 -3.47
N VAL A 94 -12.19 8.12 -3.09
CA VAL A 94 -11.89 6.74 -2.73
C VAL A 94 -12.60 5.78 -3.67
N VAL A 95 -11.85 4.93 -4.35
CA VAL A 95 -12.44 3.92 -5.21
C VAL A 95 -11.98 2.52 -4.83
N ARG A 96 -12.96 1.64 -4.66
CA ARG A 96 -12.68 0.26 -4.33
C ARG A 96 -12.70 -0.59 -5.58
N LEU A 97 -11.62 -1.32 -5.81
CA LEU A 97 -11.52 -2.18 -6.97
C LEU A 97 -11.56 -3.64 -6.57
N LEU A 98 -12.43 -4.38 -7.25
CA LEU A 98 -12.43 -5.82 -7.18
C LEU A 98 -11.65 -6.32 -8.37
N VAL A 99 -10.56 -7.04 -8.12
CA VAL A 99 -9.73 -7.52 -9.23
C VAL A 99 -9.47 -9.02 -9.09
N THR A 100 -8.99 -9.62 -10.17
CA THR A 100 -8.46 -10.97 -10.10
C THR A 100 -7.01 -10.97 -10.56
N ARG A 101 -6.22 -11.84 -9.96
CA ARG A 101 -4.77 -11.84 -10.12
C ARG A 101 -4.29 -13.26 -10.33
N GLN A 102 -3.47 -13.46 -11.37
CA GLN A 102 -2.96 -14.80 -11.70
C GLN A 102 -1.83 -15.22 -10.77
N ALA B 1 24.36 7.36 13.73
CA ALA B 1 23.25 6.61 13.15
C ALA B 1 23.22 6.73 11.62
N VAL B 2 22.73 5.69 10.97
CA VAL B 2 22.63 5.64 9.52
C VAL B 2 21.17 5.58 9.07
N VAL B 3 20.84 6.37 8.06
CA VAL B 3 19.50 6.39 7.50
C VAL B 3 19.25 5.17 6.60
N GLN B 4 18.12 4.49 6.80
CA GLN B 4 17.73 3.40 5.92
C GLN B 4 16.29 3.63 5.48
N ARG B 5 15.99 3.23 4.25
CA ARG B 5 14.64 3.33 3.75
C ARG B 5 14.16 1.94 3.36
N VAL B 6 13.05 1.53 3.94
CA VAL B 6 12.55 0.19 3.65
C VAL B 6 11.14 0.26 3.10
N GLU B 7 10.78 -0.74 2.29
CA GLU B 7 9.49 -0.76 1.63
C GLU B 7 8.86 -2.10 1.95
N ILE B 8 7.86 -2.07 2.85
CA ILE B 8 7.22 -3.28 3.33
C ILE B 8 5.98 -3.60 2.53
N HIS B 9 5.91 -4.82 2.02
CA HIS B 9 4.72 -5.31 1.36
C HIS B 9 3.98 -6.22 2.33
N LYS B 10 2.89 -5.70 2.88
CA LYS B 10 2.13 -6.42 3.91
C LYS B 10 1.64 -7.79 3.42
N LEU B 11 1.51 -8.73 4.35
CA LEU B 11 1.00 -10.06 4.06
C LEU B 11 -0.43 -10.23 4.55
N ARG B 12 -1.26 -10.85 3.74
CA ARG B 12 -2.62 -11.15 4.19
C ARG B 12 -2.62 -12.32 5.18
N GLN B 13 -3.26 -12.11 6.32
CA GLN B 13 -3.49 -13.17 7.30
C GLN B 13 -4.95 -13.10 7.72
N GLY B 14 -5.79 -13.92 7.10
CA GLY B 14 -7.21 -13.81 7.27
C GLY B 14 -7.70 -12.47 6.74
N GLU B 15 -8.38 -11.70 7.58
CA GLU B 15 -8.91 -10.39 7.20
C GLU B 15 -7.88 -9.26 7.38
N ASN B 16 -6.72 -9.58 7.92
CA ASN B 16 -5.71 -8.55 8.23
C ASN B 16 -4.55 -8.46 7.23
N LEU B 17 -3.95 -7.28 7.15
CA LEU B 17 -2.68 -7.10 6.45
C LEU B 17 -1.60 -6.91 7.51
N ILE B 18 -0.66 -7.83 7.58
CA ILE B 18 0.30 -7.80 8.69
C ILE B 18 1.67 -7.36 8.20
N LEU B 19 2.43 -6.74 9.09
CA LEU B 19 3.74 -6.20 8.76
C LEU B 19 4.88 -7.07 9.28
N GLY B 20 4.61 -7.83 10.34
CA GLY B 20 5.61 -8.73 10.87
C GLY B 20 6.65 -8.08 11.76
N PHE B 21 6.24 -7.06 12.52
CA PHE B 21 7.13 -6.51 13.51
C PHE B 21 6.35 -5.86 14.63
N SER B 22 7.05 -5.57 15.71
CA SER B 22 6.44 -4.92 16.86
C SER B 22 7.07 -3.57 17.14
N ILE B 23 6.29 -2.67 17.74
CA ILE B 23 6.81 -1.34 18.11
C ILE B 23 6.64 -1.03 19.58
N GLY B 24 7.54 -0.18 20.08
CA GLY B 24 7.44 0.41 21.41
C GLY B 24 7.69 1.91 21.30
N GLY B 25 7.29 2.66 22.31
CA GLY B 25 7.54 4.10 22.33
C GLY B 25 6.35 4.98 22.03
N GLY B 26 6.59 6.28 21.91
CA GLY B 26 5.52 7.24 21.71
C GLY B 26 5.55 8.31 22.79
N ILE B 27 5.02 9.49 22.46
CA ILE B 27 5.11 10.63 23.38
C ILE B 27 4.30 10.44 24.66
N ASP B 28 3.44 9.43 24.67
CA ASP B 28 2.64 9.13 25.86
C ASP B 28 3.24 8.04 26.72
N GLN B 29 4.39 7.52 26.31
CA GLN B 29 5.06 6.44 27.03
C GLN B 29 6.29 6.94 27.81
N ASP B 30 6.79 6.07 28.68
CA ASP B 30 7.95 6.37 29.52
C ASP B 30 9.23 6.06 28.77
N PRO B 31 9.93 7.09 28.28
CA PRO B 31 11.11 6.83 27.45
C PRO B 31 12.27 6.17 28.20
N SER B 32 12.25 6.22 29.53
CA SER B 32 13.35 5.64 30.29
C SER B 32 13.32 4.13 30.19
N GLN B 33 12.21 3.58 29.71
CA GLN B 33 12.02 2.12 29.66
C GLN B 33 12.35 1.52 28.30
N ASN B 34 12.80 2.37 27.38
CA ASN B 34 13.16 1.92 26.04
C ASN B 34 14.58 1.40 26.06
N PRO B 35 14.77 0.09 25.88
CA PRO B 35 16.09 -0.54 25.93
C PRO B 35 16.95 -0.29 24.70
N PHE B 36 16.38 0.32 23.66
CA PHE B 36 17.04 0.44 22.36
C PHE B 36 17.61 1.83 22.06
N SER B 37 17.08 2.84 22.73
CA SER B 37 17.45 4.23 22.44
C SER B 37 18.77 4.62 23.07
N GLU B 38 19.42 5.62 22.50
CA GLU B 38 20.64 6.20 23.06
C GLU B 38 20.31 7.18 24.18
N ASP B 39 19.37 8.06 23.90
CA ASP B 39 18.95 9.10 24.82
C ASP B 39 17.65 8.64 25.50
N LYS B 40 17.69 8.49 26.82
CA LYS B 40 16.54 7.94 27.53
C LYS B 40 15.40 8.94 27.72
N THR B 41 15.49 10.08 27.05
CA THR B 41 14.37 11.01 26.95
C THR B 41 13.76 10.95 25.54
N ASP B 42 14.32 10.11 24.68
CA ASP B 42 13.84 9.92 23.30
C ASP B 42 12.49 9.21 23.33
N LYS B 43 11.43 9.93 22.93
CA LYS B 43 10.07 9.39 22.99
C LYS B 43 9.60 8.79 21.66
N GLY B 44 10.54 8.57 20.74
CA GLY B 44 10.18 8.05 19.43
C GLY B 44 9.76 6.60 19.39
N ILE B 45 9.35 6.19 18.20
CA ILE B 45 8.85 4.84 17.95
C ILE B 45 10.01 3.97 17.51
N TYR B 46 10.16 2.82 18.16
CA TYR B 46 11.26 1.91 17.87
C TYR B 46 10.73 0.53 17.56
N VAL B 47 11.40 -0.15 16.65
CA VAL B 47 11.14 -1.56 16.35
C VAL B 47 11.67 -2.40 17.49
N THR B 48 10.78 -3.18 18.12
CA THR B 48 11.16 -3.96 19.31
C THR B 48 11.30 -5.46 19.06
N ARG B 49 10.82 -5.91 17.90
CA ARG B 49 10.86 -7.31 17.54
C ARG B 49 10.56 -7.39 16.06
N VAL B 50 11.16 -8.36 15.39
CA VAL B 50 10.94 -8.59 13.97
C VAL B 50 10.68 -10.08 13.74
N SER B 51 9.60 -10.40 13.05
CA SER B 51 9.20 -11.78 12.83
C SER B 51 10.11 -12.42 11.77
N GLU B 52 10.76 -13.52 12.12
CA GLU B 52 11.60 -14.24 11.18
C GLU B 52 10.80 -14.62 9.94
N GLY B 53 11.31 -14.22 8.77
CA GLY B 53 10.69 -14.56 7.51
C GLY B 53 9.51 -13.70 7.10
N GLY B 54 9.22 -12.68 7.91
CA GLY B 54 8.06 -11.84 7.67
C GLY B 54 8.32 -10.66 6.74
N PRO B 55 7.25 -9.93 6.42
CA PRO B 55 7.40 -8.82 5.47
C PRO B 55 8.43 -7.78 5.92
N ALA B 56 8.44 -7.41 7.19
CA ALA B 56 9.41 -6.41 7.65
C ALA B 56 10.84 -6.93 7.51
N GLU B 57 11.07 -8.19 7.86
CA GLU B 57 12.41 -8.76 7.74
C GLU B 57 12.88 -8.74 6.28
N ILE B 58 12.01 -9.19 5.39
CA ILE B 58 12.32 -9.23 3.96
C ILE B 58 12.68 -7.84 3.44
N ALA B 59 11.99 -6.82 3.95
CA ALA B 59 12.19 -5.44 3.50
C ALA B 59 13.48 -4.82 4.05
N GLY B 60 14.05 -5.45 5.07
CA GLY B 60 15.29 -4.96 5.66
C GLY B 60 15.19 -4.31 7.03
N LEU B 61 14.00 -4.37 7.65
CA LEU B 61 13.84 -3.80 8.99
C LEU B 61 14.61 -4.62 10.04
N GLN B 62 15.16 -3.94 11.04
CA GLN B 62 15.93 -4.61 12.08
C GLN B 62 15.49 -4.17 13.47
N ILE B 63 15.60 -5.08 14.43
CA ILE B 63 15.29 -4.75 15.83
C ILE B 63 16.13 -3.55 16.25
N GLY B 64 15.49 -2.60 16.93
CA GLY B 64 16.14 -1.40 17.40
C GLY B 64 16.05 -0.19 16.47
N ASP B 65 15.61 -0.39 15.24
CA ASP B 65 15.47 0.73 14.30
C ASP B 65 14.51 1.78 14.85
N LYS B 66 14.87 3.05 14.70
CA LYS B 66 13.96 4.14 15.04
C LYS B 66 13.16 4.57 13.82
N ILE B 67 11.83 4.58 13.94
CA ILE B 67 10.98 4.90 12.81
C ILE B 67 10.76 6.42 12.74
N MET B 68 11.26 7.04 11.67
CA MET B 68 11.18 8.49 11.53
C MET B 68 9.95 8.92 10.75
N GLN B 69 9.59 8.14 9.73
CA GLN B 69 8.47 8.45 8.86
C GLN B 69 7.82 7.18 8.32
N VAL B 70 6.53 7.26 8.05
CA VAL B 70 5.79 6.19 7.40
C VAL B 70 4.96 6.81 6.26
N ASN B 71 5.24 6.42 5.03
CA ASN B 71 4.55 6.96 3.88
C ASN B 71 4.48 8.47 3.95
N GLY B 72 5.60 9.08 4.35
CA GLY B 72 5.72 10.53 4.37
C GLY B 72 5.23 11.20 5.64
N TRP B 73 4.60 10.44 6.53
CA TRP B 73 4.04 11.00 7.75
C TRP B 73 5.04 10.94 8.91
N ASP B 74 5.29 12.08 9.52
CA ASP B 74 6.22 12.21 10.64
C ASP B 74 5.80 11.30 11.80
N MET B 75 6.74 10.50 12.30
CA MET B 75 6.49 9.59 13.41
C MET B 75 7.29 9.93 14.68
N THR B 76 7.96 11.07 14.69
CA THR B 76 8.84 11.42 15.81
C THR B 76 8.12 11.96 17.04
N MET B 77 6.93 12.53 16.84
CA MET B 77 6.16 13.12 17.94
C MET B 77 4.71 12.64 17.97
N VAL B 78 4.51 11.33 17.91
CA VAL B 78 3.18 10.76 17.91
C VAL B 78 3.00 9.87 19.14
N THR B 79 1.75 9.65 19.54
CA THR B 79 1.49 8.68 20.60
C THR B 79 1.73 7.27 20.08
N HIS B 80 1.82 6.32 21.00
CA HIS B 80 2.00 4.94 20.64
C HIS B 80 0.88 4.48 19.71
N ASP B 81 -0.35 4.83 20.07
CA ASP B 81 -1.52 4.37 19.33
C ASP B 81 -1.58 5.00 17.94
N GLN B 82 -1.21 6.28 17.86
CA GLN B 82 -1.13 6.97 16.58
C GLN B 82 -0.15 6.27 15.65
N ALA B 83 1.00 5.87 16.19
CA ALA B 83 2.00 5.13 15.42
C ALA B 83 1.42 3.81 14.92
N ARG B 84 0.80 3.05 15.82
CA ARG B 84 0.19 1.77 15.46
C ARG B 84 -0.82 1.94 14.33
N LYS B 85 -1.69 2.93 14.46
CA LYS B 85 -2.73 3.22 13.46
C LYS B 85 -2.14 3.56 12.08
N ARG B 86 -1.10 4.38 12.08
CA ARG B 86 -0.49 4.82 10.84
C ARG B 86 0.12 3.65 10.08
N LEU B 87 0.71 2.73 10.84
CA LEU B 87 1.35 1.56 10.24
C LEU B 87 0.37 0.47 9.80
N THR B 88 -0.85 0.47 10.34
CA THR B 88 -1.77 -0.63 10.10
C THR B 88 -3.07 -0.26 9.40
N LYS B 89 -3.03 0.76 8.56
CA LYS B 89 -4.21 1.13 7.78
C LYS B 89 -4.56 -0.02 6.84
N ARG B 90 -5.76 -0.56 6.97
CA ARG B 90 -6.15 -1.73 6.21
C ARG B 90 -6.19 -1.44 4.71
N SER B 91 -6.24 -0.15 4.34
CA SER B 91 -6.31 0.21 2.93
C SER B 91 -4.95 0.24 2.26
N GLU B 92 -3.90 0.17 3.08
CA GLU B 92 -2.54 0.28 2.57
C GLU B 92 -1.79 -1.05 2.63
N GLU B 93 -1.53 -1.61 1.45
CA GLU B 93 -0.74 -2.84 1.34
C GLU B 93 0.77 -2.59 1.31
N VAL B 94 1.17 -1.41 0.87
CA VAL B 94 2.60 -1.10 0.81
C VAL B 94 2.88 0.12 1.68
N VAL B 95 3.82 -0.02 2.61
CA VAL B 95 4.23 1.10 3.45
C VAL B 95 5.74 1.27 3.41
N ARG B 96 6.16 2.51 3.19
CA ARG B 96 7.56 2.85 3.19
C ARG B 96 7.93 3.49 4.52
N LEU B 97 9.00 2.99 5.12
CA LEU B 97 9.47 3.51 6.39
C LEU B 97 10.83 4.13 6.20
N LEU B 98 10.99 5.33 6.75
CA LEU B 98 12.29 5.96 6.89
C LEU B 98 12.72 5.69 8.32
N VAL B 99 13.88 5.05 8.49
CA VAL B 99 14.36 4.71 9.83
C VAL B 99 15.81 5.16 10.01
N THR B 100 16.26 5.21 11.26
CA THR B 100 17.68 5.34 11.53
C THR B 100 18.14 4.14 12.33
N ARG B 101 19.41 3.79 12.15
CA ARG B 101 19.96 2.55 12.68
C ARG B 101 21.36 2.80 13.22
N GLN B 102 21.64 2.28 14.41
CA GLN B 102 22.93 2.51 15.04
C GLN B 102 24.02 1.60 14.48
N SER C 3 0.14 0.35 -29.82
CA SER C 3 -0.08 0.76 -31.20
C SER C 3 -1.50 0.40 -31.66
N ARG C 4 -1.81 -0.89 -31.60
CA ARG C 4 -3.13 -1.39 -31.94
C ARG C 4 -3.87 -1.74 -30.65
N TRP C 5 -3.33 -1.30 -29.53
CA TRP C 5 -3.93 -1.57 -28.23
C TRP C 5 -3.60 -0.41 -27.29
N PRO C 6 -4.47 0.59 -27.27
CA PRO C 6 -4.20 1.80 -26.49
C PRO C 6 -4.24 1.53 -24.99
N THR C 7 -3.43 2.27 -24.25
CA THR C 7 -3.54 2.30 -22.80
C THR C 7 -3.79 3.73 -22.35
N SER C 8 -4.40 3.87 -21.18
CA SER C 8 -4.73 5.18 -20.64
C SER C 8 -4.15 5.34 -19.25
N ILE C 9 -3.57 6.51 -19.00
CA ILE C 9 -3.03 6.86 -17.69
C ILE C 9 -4.12 7.46 -16.82
N LEU C 10 -4.25 6.93 -15.60
CA LEU C 10 -5.31 7.34 -14.68
C LEU C 10 -4.73 7.79 -13.36
N ASN D 2 8.69 -3.92 31.28
CA ASN D 2 7.80 -4.31 30.19
C ASN D 2 6.36 -3.89 30.44
N SER D 3 5.86 -4.16 31.64
CA SER D 3 4.52 -3.70 32.01
C SER D 3 4.47 -2.17 32.00
N ARG D 4 5.64 -1.55 32.12
CA ARG D 4 5.75 -0.09 32.13
C ARG D 4 6.05 0.45 30.74
N TRP D 5 6.14 -0.44 29.76
CA TRP D 5 6.47 -0.04 28.39
C TRP D 5 5.85 -1.01 27.39
N PRO D 6 4.60 -0.72 26.98
CA PRO D 6 3.87 -1.65 26.12
C PRO D 6 4.51 -1.73 24.74
N THR D 7 4.43 -2.91 24.13
CA THR D 7 4.75 -3.02 22.72
C THR D 7 3.52 -3.51 21.97
N SER D 8 3.46 -3.22 20.67
CA SER D 8 2.32 -3.62 19.85
C SER D 8 2.78 -4.41 18.65
N ILE D 9 2.07 -5.51 18.38
CA ILE D 9 2.34 -6.38 17.22
C ILE D 9 1.59 -5.87 16.01
N LEU D 10 2.33 -5.71 14.91
CA LEU D 10 1.80 -5.13 13.68
C LEU D 10 1.98 -6.09 12.52
#